data_4QEP
#
_entry.id   4QEP
#
_cell.length_a   54.346
_cell.length_b   95.569
_cell.length_c   121.754
_cell.angle_alpha   90.00
_cell.angle_beta   90.00
_cell.angle_gamma   90.00
#
_symmetry.space_group_name_H-M   'P 21 21 21'
#
loop_
_entity.id
_entity.type
_entity.pdbx_description
1 polymer 'Histone-lysine N-methyltransferase, H3 lysine-9 specific SUVH4'
2 polymer "DNA (5'-D(*GP*GP*TP*AP*CP*TP*(5CM)P*AP*GP*CP*AP*GP*TP*AP*T)-3')"
3 polymer "DNA (5'-D(*AP*CP*TP*GP*CP*TP*GP*AP*GP*TP*AP*CP*CP*AP*T)-3')"
4 non-polymer S-ADENOSYL-L-HOMOCYSTEINE
5 non-polymer 'ZINC ION'
#
loop_
_entity_poly.entity_id
_entity_poly.type
_entity_poly.pdbx_seq_one_letter_code
_entity_poly.pdbx_strand_id
1 'polypeptide(L)'
;SNGKDVNLEPHLKVTKCLRLFNKQYLLCVQAKLSRPDLKGVTEMIKAKAILYPRKIIGDLPGIDVGHRFFSRAEMCAVGF
HNHWLNGIDYMSMEYEKEYSNYKLPLAVSIVMSGQYEDDLDNADTVTYTGQGGHNLTGNKRQIKDQLLERGNLALKHCCE
YNVPVRVTRGHNCKSSYTKRVYTYDGLYKVEKFWAQKGVSGFTVYKYRLKRLEGQPELTTDQVNFVAGRIPTSTSEIEGL
VCEDISGGLEFKGIPATNRVDDSPVSPTSGFTYIKSLIIEPNVIIPKSSTGCNCRGSCTDSKKCACAKLNGGNFPYVDLN
DGRLIESRDVVFECGPHCGCGPKCVNRTSQKRLRFNLEVFRSAKKGWAVRSWEYIPAGSPVCEYIGVVRRTADVDTISDN
EYIFEIDCQQTMQGLGGRQRRLRDVAVPMNNGVSQSSEDENAPEFCIDAGSTGNFARFINHSCEPNLFVQCVLSSHQDIR
LARVVLFAADNISPMQELTYDYGYALDSVHGPDGKVKQLACYCGALNCRKRLY
;
A
2 'polydeoxyribonucleotide' (DG)(DG)(DT)(DA)(DC)(DT)(5CM)(DA)(DG)(DC)(DA)(DG)(DT)(DA)(DT) C
3 'polydeoxyribonucleotide' (DA)(DC)(DT)(DG)(DC)(DT)(DG)(DA)(DG)(DT)(DA)(DC)(DC)(DA)(DT) D
#
loop_
_chem_comp.id
_chem_comp.type
_chem_comp.name
_chem_comp.formula
5CM DNA linking 5-METHYL-2'-DEOXY-CYTIDINE-5'-MONOPHOSPHATE 'C10 H16 N3 O7 P'
DA DNA linking 2'-DEOXYADENOSINE-5'-MONOPHOSPHATE 'C10 H14 N5 O6 P'
DC DNA linking 2'-DEOXYCYTIDINE-5'-MONOPHOSPHATE 'C9 H14 N3 O7 P'
DG DNA linking 2'-DEOXYGUANOSINE-5'-MONOPHOSPHATE 'C10 H14 N5 O7 P'
DT DNA linking THYMIDINE-5'-MONOPHOSPHATE 'C10 H15 N2 O8 P'
ZN non-polymer 'ZINC ION' 'Zn 2'
#
# COMPACT_ATOMS: atom_id res chain seq x y z
N LEU A 8 14.36 12.37 -11.17
CA LEU A 8 14.11 11.23 -10.30
C LEU A 8 13.43 11.66 -9.02
N GLU A 9 12.16 12.01 -9.11
CA GLU A 9 11.43 12.66 -8.03
C GLU A 9 11.49 11.81 -6.77
N PRO A 10 11.72 12.43 -5.60
CA PRO A 10 11.79 11.74 -4.29
C PRO A 10 10.64 10.78 -3.92
N HIS A 11 9.38 11.24 -4.02
CA HIS A 11 8.24 10.40 -3.67
C HIS A 11 8.20 9.12 -4.51
N LEU A 12 8.71 9.24 -5.73
CA LEU A 12 8.74 8.12 -6.67
C LEU A 12 9.84 7.13 -6.33
N LYS A 13 11.04 7.64 -6.04
CA LYS A 13 12.14 6.79 -5.59
C LYS A 13 11.70 6.02 -4.34
N VAL A 14 11.03 6.74 -3.44
CA VAL A 14 10.42 6.14 -2.25
C VAL A 14 9.44 5.02 -2.62
N THR A 15 8.52 5.33 -3.52
CA THR A 15 7.50 4.37 -3.97
C THR A 15 8.14 3.09 -4.49
N LYS A 16 9.20 3.25 -5.29
CA LYS A 16 9.85 2.12 -5.94
C LYS A 16 10.63 1.28 -4.92
N CYS A 17 11.30 1.96 -4.00
CA CYS A 17 11.97 1.30 -2.88
C CYS A 17 10.97 0.41 -2.13
N LEU A 18 9.84 1.00 -1.74
CA LEU A 18 8.83 0.27 -0.99
C LEU A 18 8.28 -0.91 -1.79
N ARG A 19 8.10 -0.73 -3.09
CA ARG A 19 7.60 -1.80 -3.95
C ARG A 19 8.58 -2.98 -4.00
N LEU A 20 9.86 -2.68 -4.04
CA LEU A 20 10.86 -3.73 -4.03
C LEU A 20 10.87 -4.43 -2.72
N PHE A 21 10.82 -3.68 -1.64
CA PHE A 21 10.73 -4.32 -0.33
C PHE A 21 9.53 -5.25 -0.25
N ASN A 22 8.42 -4.84 -0.84
CA ASN A 22 7.21 -5.66 -0.80
C ASN A 22 7.38 -6.94 -1.60
N LYS A 23 8.03 -6.83 -2.77
CA LYS A 23 8.37 -8.00 -3.56
C LYS A 23 9.11 -9.00 -2.71
N GLN A 24 10.25 -8.59 -2.20
CA GLN A 24 11.03 -9.47 -1.36
C GLN A 24 10.29 -10.03 -0.17
N TYR A 25 9.60 -9.18 0.54
CA TYR A 25 8.72 -9.60 1.62
C TYR A 25 7.88 -10.80 1.22
N LEU A 26 7.05 -10.61 0.19
CA LEU A 26 6.18 -11.69 -0.28
C LEU A 26 6.94 -12.94 -0.72
N LEU A 27 8.11 -12.78 -1.30
CA LEU A 27 8.86 -13.95 -1.65
C LEU A 27 9.45 -14.65 -0.48
N CYS A 28 9.59 -13.98 0.63
CA CYS A 28 9.98 -14.62 1.89
C CYS A 28 8.81 -15.26 2.61
N VAL A 29 7.61 -14.71 2.47
CA VAL A 29 6.46 -15.34 3.09
C VAL A 29 6.07 -16.59 2.31
N GLN A 30 6.32 -16.59 1.00
CA GLN A 30 6.03 -17.76 0.17
C GLN A 30 7.03 -18.87 0.44
N ALA A 31 8.29 -18.49 0.63
CA ALA A 31 9.35 -19.44 0.91
C ALA A 31 9.31 -19.91 2.35
N LYS A 32 8.23 -19.59 3.04
CA LYS A 32 7.95 -20.09 4.36
C LYS A 32 8.97 -19.79 5.42
N LEU A 33 9.80 -18.77 5.20
CA LEU A 33 10.79 -18.33 6.19
C LEU A 33 10.13 -17.65 7.39
N SER A 34 10.88 -17.47 8.47
CA SER A 34 10.36 -16.79 9.66
C SER A 34 10.72 -15.31 9.60
N ARG A 35 9.79 -14.46 10.06
CA ARG A 35 9.95 -13.01 10.00
C ARG A 35 10.36 -12.51 8.62
N PRO A 36 9.44 -12.63 7.62
CA PRO A 36 9.74 -12.29 6.22
C PRO A 36 9.85 -10.79 6.01
N ASP A 37 9.40 -10.01 6.99
CA ASP A 37 9.62 -8.57 6.99
C ASP A 37 11.12 -8.32 7.18
N LEU A 38 11.62 -8.85 8.27
CA LEU A 38 13.02 -8.77 8.60
C LEU A 38 13.87 -9.39 7.53
N LYS A 39 13.52 -10.61 7.15
CA LYS A 39 14.20 -11.28 6.05
C LYS A 39 14.21 -10.36 4.85
N GLY A 40 13.07 -9.74 4.59
CA GLY A 40 12.90 -8.88 3.45
C GLY A 40 13.84 -7.68 3.44
N VAL A 41 14.05 -7.06 4.60
CA VAL A 41 14.95 -5.91 4.64
C VAL A 41 16.40 -6.37 4.61
N THR A 42 16.70 -7.55 5.18
CA THR A 42 18.00 -8.20 4.94
C THR A 42 18.22 -8.33 3.43
N GLU A 43 17.23 -8.76 2.68
CA GLU A 43 17.46 -8.83 1.27
C GLU A 43 17.48 -7.48 0.64
N MET A 44 16.94 -6.45 1.30
CA MET A 44 17.12 -5.10 0.74
C MET A 44 18.57 -4.63 0.92
N ILE A 45 19.19 -5.02 2.03
CA ILE A 45 20.59 -4.69 2.31
C ILE A 45 21.58 -5.45 1.43
N LYS A 46 21.24 -6.66 1.04
CA LYS A 46 22.09 -7.47 0.19
C LYS A 46 22.29 -6.80 -1.12
N ALA A 47 21.28 -6.14 -1.58
CA ALA A 47 21.22 -5.62 -2.96
C ALA A 47 21.55 -4.15 -3.10
N LYS A 48 22.05 -3.54 -2.01
CA LYS A 48 22.26 -2.09 -1.92
C LYS A 48 21.04 -1.37 -2.47
N ALA A 49 19.88 -1.66 -1.88
CA ALA A 49 18.63 -1.07 -2.36
C ALA A 49 17.87 -0.40 -1.23
N ILE A 50 18.61 0.19 -0.31
CA ILE A 50 18.01 0.98 0.76
C ILE A 50 18.16 2.45 0.40
N LEU A 51 17.02 3.12 0.24
CA LEU A 51 16.93 4.47 -0.32
C LEU A 51 17.88 5.49 0.31
N TYR A 52 17.91 5.55 1.62
CA TYR A 52 18.84 6.41 2.31
C TYR A 52 19.67 5.62 3.28
N PRO A 53 20.87 5.24 2.90
CA PRO A 53 21.76 4.32 3.58
C PRO A 53 22.61 4.93 4.68
N ARG A 54 22.89 6.21 4.53
CA ARG A 54 23.50 7.02 5.54
C ARG A 54 22.39 7.67 6.36
N LYS A 55 22.68 8.21 7.52
CA LYS A 55 21.65 8.82 8.35
C LYS A 55 21.45 10.31 8.05
N ILE A 56 20.26 10.81 8.37
CA ILE A 56 19.86 12.17 7.99
C ILE A 56 19.09 12.91 9.09
N ILE A 57 19.57 14.11 9.42
CA ILE A 57 18.86 14.96 10.37
C ILE A 57 17.76 15.72 9.67
N GLY A 58 16.52 15.50 10.08
CA GLY A 58 15.41 16.25 9.53
C GLY A 58 14.46 15.40 8.71
N ASP A 59 13.85 16.00 7.69
CA ASP A 59 12.90 15.27 6.87
C ASP A 59 13.60 14.47 5.78
N LEU A 60 12.93 13.43 5.30
CA LEU A 60 13.42 12.68 4.16
C LEU A 60 12.54 12.98 2.95
N PRO A 61 13.18 13.37 1.83
CA PRO A 61 12.52 13.59 0.54
C PRO A 61 11.62 12.44 0.15
N GLY A 62 10.37 12.72 -0.18
CA GLY A 62 9.45 11.67 -0.57
C GLY A 62 8.68 11.09 0.60
N ILE A 63 9.15 11.37 1.81
CA ILE A 63 8.45 10.98 3.02
C ILE A 63 7.94 12.26 3.69
N ASP A 64 6.66 12.46 3.63
CA ASP A 64 6.07 13.68 4.12
C ASP A 64 5.54 13.50 5.51
N VAL A 65 5.30 14.60 6.20
CA VAL A 65 4.58 14.53 7.45
C VAL A 65 3.22 13.90 7.18
N GLY A 66 2.94 12.80 7.86
CA GLY A 66 1.69 12.10 7.65
C GLY A 66 1.89 10.73 7.03
N HIS A 67 3.08 10.48 6.50
CA HIS A 67 3.41 9.22 5.81
C HIS A 67 3.07 7.97 6.62
N ARG A 68 2.49 6.99 5.98
CA ARG A 68 2.08 5.79 6.64
C ARG A 68 2.94 4.59 6.30
N PHE A 69 3.73 4.17 7.26
CA PHE A 69 4.48 2.92 7.16
C PHE A 69 3.62 1.80 7.73
N PHE A 70 3.75 0.61 7.15
CA PHE A 70 2.87 -0.50 7.48
C PHE A 70 3.58 -1.54 8.35
N SER A 71 4.86 -1.26 8.60
CA SER A 71 5.69 -2.09 9.46
C SER A 71 6.96 -1.32 9.79
N ARG A 72 7.68 -1.78 10.80
CA ARG A 72 9.00 -1.23 11.14
C ARG A 72 9.93 -1.53 9.97
N ALA A 73 9.69 -2.69 9.38
CA ALA A 73 10.49 -3.19 8.28
C ALA A 73 10.50 -2.24 7.09
N GLU A 74 9.35 -1.64 6.78
CA GLU A 74 9.30 -0.63 5.74
C GLU A 74 10.27 0.51 6.07
N MET A 75 10.15 1.05 7.27
CA MET A 75 10.97 2.16 7.73
C MET A 75 12.45 1.85 7.62
N CYS A 76 12.81 0.60 7.81
CA CYS A 76 14.21 0.19 7.62
C CYS A 76 14.54 0.10 6.14
N ALA A 77 13.59 -0.39 5.37
CA ALA A 77 13.78 -0.66 3.95
C ALA A 77 14.01 0.64 3.19
N VAL A 78 13.45 1.74 3.68
CA VAL A 78 13.68 3.05 3.08
C VAL A 78 14.85 3.80 3.74
N GLY A 79 15.13 3.49 5.00
CA GLY A 79 16.26 4.07 5.71
C GLY A 79 15.79 5.16 6.64
N PHE A 80 14.48 5.20 6.78
CA PHE A 80 13.83 6.17 7.62
C PHE A 80 14.19 5.95 9.08
N HIS A 81 14.20 4.68 9.45
CA HIS A 81 14.54 4.25 10.80
C HIS A 81 15.26 2.91 10.66
N ASN A 82 16.56 2.88 10.87
CA ASN A 82 17.34 1.72 10.52
C ASN A 82 17.37 0.62 11.53
N HIS A 83 16.65 0.75 12.63
CA HIS A 83 16.49 -0.36 13.57
C HIS A 83 15.10 -0.94 13.44
N TRP A 84 15.00 -2.26 13.35
CA TRP A 84 13.70 -2.89 13.26
C TRP A 84 13.03 -2.96 14.62
N LEU A 85 13.83 -2.82 15.67
CA LEU A 85 13.34 -2.93 17.05
C LEU A 85 13.43 -1.61 17.82
N ASN A 86 14.59 -0.98 17.80
CA ASN A 86 14.84 0.18 18.58
C ASN A 86 13.96 1.38 18.44
N GLY A 87 13.49 1.93 19.54
CA GLY A 87 12.72 3.16 19.57
C GLY A 87 13.54 4.35 19.12
N ILE A 88 14.82 4.38 19.46
CA ILE A 88 15.66 5.52 19.12
C ILE A 88 16.75 5.16 18.10
N ASP A 89 16.72 5.85 16.98
CA ASP A 89 17.70 5.66 15.92
C ASP A 89 18.59 6.89 15.93
N TYR A 90 19.90 6.69 16.08
CA TYR A 90 20.79 7.83 16.23
C TYR A 90 22.10 7.64 15.48
N MET A 91 22.86 8.73 15.37
CA MET A 91 24.13 8.69 14.67
C MET A 91 25.21 8.18 15.62
N SER A 92 25.98 7.20 15.16
CA SER A 92 27.05 6.62 15.96
C SER A 92 28.23 7.59 16.04
N MET A 93 29.31 7.21 16.69
CA MET A 93 30.43 8.09 16.68
C MET A 93 31.06 8.12 15.31
N GLU A 94 30.56 7.33 14.38
CA GLU A 94 31.15 7.24 13.06
C GLU A 94 30.85 8.50 12.32
N TYR A 95 29.99 9.29 12.90
CA TYR A 95 29.56 10.56 12.30
C TYR A 95 30.21 11.80 12.94
N GLU A 96 31.25 11.58 13.72
CA GLU A 96 31.80 12.68 14.46
C GLU A 96 32.59 13.61 13.63
N LYS A 97 33.41 13.12 12.73
CA LYS A 97 34.20 13.98 11.84
C LYS A 97 33.33 14.65 10.80
N GLU A 98 32.24 13.97 10.45
CA GLU A 98 31.27 14.51 9.51
C GLU A 98 30.48 15.67 10.13
N TYR A 99 30.27 15.60 11.44
CA TYR A 99 29.52 16.59 12.17
C TYR A 99 30.26 17.10 13.35
N SER A 100 31.40 17.72 13.14
CA SER A 100 32.22 18.14 14.25
C SER A 100 31.55 19.16 15.15
N ASN A 101 30.56 19.85 14.65
CA ASN A 101 30.08 20.99 15.33
C ASN A 101 29.19 20.55 16.46
N TYR A 102 28.66 19.38 16.29
CA TYR A 102 27.80 18.74 17.28
C TYR A 102 28.58 17.69 18.06
N LYS A 103 28.04 17.23 19.17
CA LYS A 103 28.64 16.14 19.88
C LYS A 103 27.78 14.93 19.69
N LEU A 104 28.44 13.81 19.41
CA LEU A 104 27.80 12.54 19.11
C LEU A 104 27.70 11.69 20.37
N PRO A 105 26.73 10.76 20.43
CA PRO A 105 25.74 10.40 19.42
C PRO A 105 24.53 11.35 19.38
N LEU A 106 23.79 11.31 18.27
CA LEU A 106 22.73 12.27 18.02
C LEU A 106 21.46 11.62 17.48
N ALA A 107 20.39 11.66 18.25
CA ALA A 107 19.12 11.08 17.83
C ALA A 107 18.57 11.72 16.55
N VAL A 108 17.96 10.92 15.69
CA VAL A 108 17.38 11.44 14.45
C VAL A 108 15.92 11.03 14.29
N SER A 109 15.61 9.81 14.73
CA SER A 109 14.25 9.31 14.64
C SER A 109 13.89 8.48 15.86
N ILE A 110 12.76 8.81 16.48
CA ILE A 110 12.19 7.97 17.52
C ILE A 110 10.83 7.40 17.15
N VAL A 111 10.46 6.31 17.81
CA VAL A 111 9.16 5.67 17.60
C VAL A 111 8.43 5.54 18.94
N MET A 112 7.25 6.13 19.04
CA MET A 112 6.41 5.88 20.20
C MET A 112 5.37 4.85 19.83
N SER A 113 5.45 3.70 20.48
CA SER A 113 4.63 2.56 20.13
C SER A 113 3.69 2.23 21.29
N GLY A 114 3.92 2.87 22.43
CA GLY A 114 3.13 2.63 23.63
C GLY A 114 3.63 1.41 24.37
N GLN A 115 4.90 1.08 24.16
CA GLN A 115 5.51 -0.09 24.79
C GLN A 115 6.16 0.24 26.12
N TYR A 116 6.52 1.51 26.30
CA TYR A 116 7.13 2.00 27.54
C TYR A 116 6.10 2.67 28.45
N GLU A 117 5.99 2.21 29.67
CA GLU A 117 4.95 2.66 30.57
C GLU A 117 5.02 4.12 30.94
N ASP A 118 6.17 4.72 30.81
CA ASP A 118 6.34 6.04 31.30
C ASP A 118 6.33 7.02 30.18
N ASP A 119 5.72 6.58 29.08
CA ASP A 119 5.44 7.44 27.94
C ASP A 119 4.15 8.21 28.18
N LEU A 120 4.12 9.45 27.73
CA LEU A 120 2.88 10.20 27.72
C LEU A 120 2.78 10.88 26.37
N ASP A 121 1.68 10.60 25.68
CA ASP A 121 1.44 11.12 24.34
C ASP A 121 0.30 12.13 24.41
N ASN A 122 0.64 13.38 24.24
CA ASN A 122 -0.34 14.45 24.23
C ASN A 122 -0.38 15.13 22.90
N ALA A 123 0.18 14.48 21.92
CA ALA A 123 0.10 14.79 20.53
C ALA A 123 0.96 15.89 20.07
N ASP A 124 0.64 17.11 20.42
CA ASP A 124 1.48 18.26 20.13
C ASP A 124 2.74 18.23 20.96
N THR A 125 2.66 17.75 22.18
CA THR A 125 3.81 17.53 23.04
C THR A 125 3.82 16.12 23.56
N VAL A 126 5.00 15.62 23.85
CA VAL A 126 5.21 14.21 24.19
C VAL A 126 6.25 14.09 25.30
N THR A 127 5.97 13.31 26.33
CA THR A 127 7.01 12.95 27.28
C THR A 127 7.44 11.53 27.02
N TYR A 128 8.63 11.36 26.48
CA TYR A 128 9.12 10.13 25.88
C TYR A 128 10.21 9.53 26.76
N THR A 129 10.05 8.28 27.12
CA THR A 129 11.02 7.63 27.93
C THR A 129 12.12 6.99 27.15
N GLY A 130 13.35 7.23 27.57
CA GLY A 130 14.50 6.69 26.86
C GLY A 130 14.53 5.17 26.95
N GLN A 131 15.54 4.55 26.35
CA GLN A 131 15.60 3.08 26.32
C GLN A 131 16.42 2.52 27.48
N GLY A 132 16.23 1.24 27.76
CA GLY A 132 17.01 0.56 28.78
C GLY A 132 16.17 0.04 29.93
N GLY A 133 16.58 -1.09 30.49
CA GLY A 133 15.89 -1.68 31.62
C GLY A 133 14.51 -2.19 31.26
N HIS A 134 14.21 -2.23 29.97
CA HIS A 134 12.91 -2.68 29.51
C HIS A 134 12.83 -4.19 29.34
N ASN A 135 11.64 -4.74 29.43
CA ASN A 135 11.43 -6.17 29.26
C ASN A 135 10.71 -6.39 27.98
N LEU A 136 11.36 -7.00 27.02
CA LEU A 136 10.78 -7.20 25.70
C LEU A 136 9.70 -8.27 25.77
N THR A 137 9.78 -9.13 26.77
CA THR A 137 8.78 -10.15 26.93
C THR A 137 7.84 -9.82 28.06
N GLY A 138 7.23 -10.85 28.63
CA GLY A 138 6.44 -10.73 29.84
C GLY A 138 5.52 -9.52 29.87
N ASN A 139 5.50 -8.86 31.02
CA ASN A 139 4.67 -7.66 31.23
C ASN A 139 5.04 -6.47 30.33
N LYS A 140 6.22 -6.54 29.73
CA LYS A 140 6.80 -5.43 28.96
C LYS A 140 6.98 -4.19 29.82
N ARG A 141 7.78 -4.28 30.88
CA ARG A 141 7.90 -3.20 31.84
C ARG A 141 9.31 -3.06 32.32
N GLN A 142 9.65 -1.93 32.96
CA GLN A 142 10.99 -1.60 33.43
C GLN A 142 11.44 -2.55 34.53
N ILE A 143 12.61 -3.18 34.33
CA ILE A 143 13.10 -4.17 35.28
C ILE A 143 14.45 -3.79 35.88
N LYS A 144 15.05 -2.71 35.37
CA LYS A 144 16.26 -2.15 35.98
C LYS A 144 16.43 -0.67 35.66
N ASP A 145 17.44 -0.04 36.22
CA ASP A 145 17.61 1.39 36.12
C ASP A 145 18.11 1.78 34.77
N GLN A 146 17.62 2.88 34.21
CA GLN A 146 18.14 3.49 32.99
C GLN A 146 19.33 4.40 33.29
N LEU A 147 20.26 4.45 32.35
CA LEU A 147 21.41 5.36 32.45
C LEU A 147 21.41 6.34 31.29
N LEU A 148 22.24 7.35 31.30
CA LEU A 148 22.36 8.17 30.13
C LEU A 148 23.42 7.56 29.24
N GLU A 149 23.10 6.51 28.52
CA GLU A 149 24.15 5.80 27.82
C GLU A 149 23.97 5.51 26.34
N ARG A 150 22.82 5.77 25.72
CA ARG A 150 22.70 5.43 24.33
C ARG A 150 21.79 6.33 23.57
N GLY A 151 20.54 5.97 23.43
CA GLY A 151 19.50 6.83 22.90
C GLY A 151 19.22 8.00 23.79
N ASN A 152 19.29 7.75 25.07
CA ASN A 152 19.19 8.77 26.07
C ASN A 152 20.28 9.77 25.92
N LEU A 153 21.49 9.33 25.68
CA LEU A 153 22.56 10.29 25.49
C LEU A 153 22.34 11.10 24.23
N ALA A 154 21.99 10.42 23.16
CA ALA A 154 21.78 11.07 21.87
C ALA A 154 20.62 12.05 21.96
N LEU A 155 19.54 11.66 22.61
CA LEU A 155 18.40 12.54 22.79
C LEU A 155 18.80 13.77 23.60
N LYS A 156 19.60 13.56 24.64
CA LYS A 156 20.19 14.65 25.40
C LYS A 156 20.95 15.64 24.50
N HIS A 157 21.86 15.11 23.68
CA HIS A 157 22.62 15.92 22.73
C HIS A 157 21.70 16.65 21.73
N CYS A 158 20.58 16.03 21.39
CA CYS A 158 19.57 16.67 20.55
C CYS A 158 19.08 17.91 21.24
N CYS A 159 18.67 17.76 22.49
CA CYS A 159 18.20 18.88 23.30
C CYS A 159 19.22 20.01 23.35
N GLU A 160 20.48 19.65 23.61
CA GLU A 160 21.52 20.65 23.80
C GLU A 160 21.97 21.40 22.54
N TYR A 161 21.91 20.76 21.38
CA TYR A 161 22.40 21.40 20.15
C TYR A 161 21.27 21.83 19.21
N ASN A 162 20.04 21.79 19.72
CA ASN A 162 18.85 22.16 18.96
C ASN A 162 18.66 21.39 17.66
N VAL A 163 18.83 20.07 17.76
CA VAL A 163 18.59 19.18 16.63
C VAL A 163 17.25 18.48 16.82
N PRO A 164 16.37 18.58 15.81
CA PRO A 164 15.02 18.00 15.88
C PRO A 164 15.05 16.52 15.65
N VAL A 165 13.97 15.85 16.05
CA VAL A 165 13.83 14.43 15.87
C VAL A 165 12.53 14.10 15.13
N ARG A 166 12.62 13.16 14.19
CA ARG A 166 11.40 12.69 13.56
C ARG A 166 10.65 11.83 14.57
N VAL A 167 9.33 11.95 14.59
CA VAL A 167 8.51 11.14 15.51
C VAL A 167 7.51 10.29 14.73
N THR A 168 7.47 9.00 15.07
CA THR A 168 6.62 8.03 14.40
C THR A 168 5.76 7.32 15.40
N ARG A 169 4.45 7.33 15.17
CA ARG A 169 3.51 6.69 16.09
C ARG A 169 2.96 5.38 15.56
N GLY A 170 2.91 4.38 16.44
CA GLY A 170 2.31 3.09 16.13
C GLY A 170 0.84 3.08 16.50
N HIS A 171 -0.01 2.81 15.50
CA HIS A 171 -1.46 2.80 15.69
C HIS A 171 -2.01 1.41 15.44
N ASN A 172 -3.11 1.08 16.12
CA ASN A 172 -3.78 -0.20 15.93
C ASN A 172 -5.00 -0.09 14.99
N CYS A 173 -5.26 -1.14 14.22
CA CYS A 173 -6.25 -1.05 13.17
C CYS A 173 -7.38 -2.07 13.27
N LYS A 174 -8.50 -1.71 12.65
CA LYS A 174 -9.63 -2.61 12.52
C LYS A 174 -9.46 -3.45 11.26
N SER A 175 -8.79 -2.88 10.25
CA SER A 175 -8.64 -3.52 8.95
C SER A 175 -8.04 -4.90 9.03
N SER A 176 -8.88 -5.91 8.89
CA SER A 176 -8.49 -7.31 8.95
C SER A 176 -7.04 -7.58 8.65
N TYR A 177 -6.61 -7.11 7.49
CA TYR A 177 -5.34 -7.47 6.95
C TYR A 177 -4.18 -6.76 7.62
N THR A 178 -4.46 -5.56 8.09
CA THR A 178 -3.46 -4.72 8.70
C THR A 178 -3.76 -4.51 10.14
N LYS A 179 -2.86 -4.95 10.99
CA LYS A 179 -3.12 -4.94 12.37
C LYS A 179 -2.50 -3.71 13.03
N ARG A 180 -1.38 -3.28 12.49
CA ARG A 180 -0.64 -2.16 13.04
C ARG A 180 -0.04 -1.28 11.94
N VAL A 181 -0.27 0.02 12.04
CA VAL A 181 0.30 0.97 11.09
C VAL A 181 1.25 1.92 11.82
N TYR A 182 2.15 2.56 11.09
CA TYR A 182 3.09 3.51 11.69
C TYR A 182 3.10 4.81 10.89
N THR A 183 2.71 5.89 11.55
CA THR A 183 2.56 7.18 10.89
C THR A 183 3.65 8.15 11.29
N TYR A 184 4.21 8.85 10.30
CA TYR A 184 5.19 9.89 10.53
C TYR A 184 4.48 11.20 10.81
N ASP A 185 4.71 11.80 11.97
CA ASP A 185 3.98 13.00 12.32
C ASP A 185 4.81 14.22 12.42
N GLY A 186 6.03 14.17 11.95
CA GLY A 186 6.83 15.37 11.81
C GLY A 186 8.05 15.46 12.71
N LEU A 187 8.70 16.61 12.66
CA LEU A 187 9.88 16.86 13.46
C LEU A 187 9.48 17.45 14.79
N TYR A 188 10.00 16.87 15.86
CA TYR A 188 9.80 17.40 17.20
C TYR A 188 11.13 17.87 17.75
N LYS A 189 11.07 18.68 18.77
CA LYS A 189 12.27 19.14 19.41
C LYS A 189 12.30 18.70 20.85
N VAL A 190 13.46 18.29 21.30
CA VAL A 190 13.59 17.89 22.68
C VAL A 190 13.60 19.17 23.46
N GLU A 191 12.52 19.51 24.12
CA GLU A 191 12.45 20.70 24.92
C GLU A 191 13.32 20.56 26.13
N LYS A 192 13.15 19.49 26.86
CA LYS A 192 14.03 19.24 27.98
C LYS A 192 14.12 17.77 28.35
N PHE A 193 14.96 17.43 29.33
CA PHE A 193 15.06 16.04 29.79
C PHE A 193 15.48 15.93 31.24
N TRP A 194 15.13 14.82 31.89
CA TRP A 194 15.47 14.62 33.29
C TRP A 194 15.34 13.18 33.72
N ALA A 195 16.07 12.80 34.76
CA ALA A 195 15.95 11.48 35.35
C ALA A 195 14.97 11.51 36.52
N GLN A 196 14.16 10.46 36.63
CA GLN A 196 13.27 10.31 37.77
C GLN A 196 12.90 8.84 37.90
N LYS A 197 12.27 8.46 39.01
CA LYS A 197 11.77 7.11 39.11
C LYS A 197 10.59 6.98 38.15
N GLY A 198 10.32 5.78 37.65
CA GLY A 198 9.18 5.58 36.77
C GLY A 198 8.04 4.92 37.52
N VAL A 199 7.00 4.53 36.77
CA VAL A 199 5.84 3.82 37.32
C VAL A 199 6.25 2.55 38.08
N SER A 200 7.38 1.95 37.70
CA SER A 200 7.80 0.69 38.29
C SER A 200 8.84 0.82 39.42
N GLY A 201 9.26 2.04 39.71
CA GLY A 201 10.19 2.29 40.79
C GLY A 201 11.64 2.33 40.34
N PHE A 202 11.87 1.97 39.08
CA PHE A 202 13.22 2.00 38.53
C PHE A 202 13.48 3.31 37.81
N THR A 203 14.70 3.82 37.96
CA THR A 203 15.09 5.07 37.30
C THR A 203 14.85 5.01 35.81
N VAL A 204 14.04 5.95 35.32
CA VAL A 204 13.88 6.17 33.89
C VAL A 204 14.29 7.61 33.54
N TYR A 205 14.71 7.77 32.28
CA TYR A 205 15.02 9.06 31.73
C TYR A 205 13.87 9.54 30.85
N LYS A 206 13.44 10.77 31.05
CA LYS A 206 12.29 11.26 30.34
C LYS A 206 12.65 12.48 29.53
N TYR A 207 12.12 12.55 28.34
CA TYR A 207 12.46 13.55 27.35
C TYR A 207 11.19 14.23 26.89
N ARG A 208 11.09 15.51 27.09
CA ARG A 208 9.91 16.17 26.70
C ARG A 208 10.10 16.92 25.43
N LEU A 209 9.45 16.45 24.40
CA LEU A 209 9.50 16.92 23.03
C LEU A 209 8.27 17.75 22.73
N LYS A 210 8.45 18.83 22.00
CA LYS A 210 7.34 19.70 21.59
C LYS A 210 7.35 19.72 20.06
N ARG A 211 6.19 19.61 19.44
CA ARG A 211 6.14 19.53 17.99
C ARG A 211 6.42 20.87 17.33
N LEU A 212 7.34 20.86 16.36
CA LEU A 212 7.70 22.07 15.64
C LEU A 212 6.57 22.58 14.77
N GLU A 213 6.77 23.76 14.23
CA GLU A 213 5.77 24.36 13.41
C GLU A 213 6.31 24.48 11.99
N GLY A 214 5.45 24.83 11.04
CA GLY A 214 5.86 24.86 9.65
C GLY A 214 5.68 23.49 9.03
N GLN A 215 4.85 22.67 9.66
CA GLN A 215 4.45 21.38 9.11
C GLN A 215 2.95 21.18 9.25
N PRO A 216 2.36 20.29 8.42
CA PRO A 216 0.93 19.96 8.44
C PRO A 216 0.40 19.75 9.86
N GLU A 217 -0.86 20.08 10.07
CA GLU A 217 -1.44 19.89 11.38
C GLU A 217 -1.57 18.39 11.63
N LEU A 218 -1.78 18.05 12.90
CA LEU A 218 -1.90 16.66 13.31
C LEU A 218 -3.38 16.37 13.53
N THR A 219 -4.09 15.91 12.52
CA THR A 219 -5.51 15.73 12.69
C THR A 219 -5.77 14.45 13.47
N THR A 220 -6.99 14.24 13.90
CA THR A 220 -7.30 13.14 14.78
C THR A 220 -7.87 11.97 14.09
N ASP A 221 -7.14 10.89 14.19
CA ASP A 221 -7.48 9.71 13.41
C ASP A 221 -7.78 8.51 14.31
N GLU A 238 -22.80 13.71 4.81
CA GLU A 238 -22.32 12.61 4.00
C GLU A 238 -22.43 12.96 2.53
N GLY A 239 -23.58 13.43 2.10
CA GLY A 239 -23.78 13.70 0.70
C GLY A 239 -24.09 12.50 -0.13
N LEU A 240 -24.61 11.47 0.51
CA LEU A 240 -24.95 10.21 -0.14
C LEU A 240 -26.03 10.29 -1.22
N VAL A 241 -25.79 9.58 -2.32
CA VAL A 241 -26.65 9.66 -3.47
C VAL A 241 -27.23 8.32 -3.83
N CYS A 242 -26.53 7.28 -3.38
CA CYS A 242 -26.97 5.90 -3.52
C CYS A 242 -26.33 5.00 -2.48
N GLU A 243 -27.13 4.13 -1.87
CA GLU A 243 -26.65 3.19 -0.85
C GLU A 243 -25.55 2.29 -1.38
N ASP A 244 -25.86 1.52 -2.42
CA ASP A 244 -24.90 0.62 -3.03
C ASP A 244 -24.96 0.75 -4.56
N ILE A 245 -23.83 1.09 -5.18
CA ILE A 245 -23.79 1.18 -6.64
C ILE A 245 -23.94 -0.21 -7.22
N SER A 246 -23.47 -1.20 -6.48
CA SER A 246 -23.76 -2.59 -6.76
C SER A 246 -25.24 -2.79 -6.46
N GLY A 247 -25.89 -3.70 -7.17
CA GLY A 247 -27.31 -3.91 -6.97
C GLY A 247 -27.59 -4.71 -5.72
N GLY A 248 -26.53 -4.94 -4.94
CA GLY A 248 -26.53 -5.91 -3.87
C GLY A 248 -25.77 -7.12 -4.39
N LEU A 249 -25.18 -6.95 -5.57
CA LEU A 249 -24.43 -8.00 -6.25
C LEU A 249 -23.08 -8.26 -5.60
N GLU A 250 -22.42 -7.20 -5.14
CA GLU A 250 -21.11 -7.31 -4.54
C GLU A 250 -21.20 -7.82 -3.10
N PHE A 251 -20.16 -8.52 -2.65
CA PHE A 251 -20.10 -9.03 -1.28
C PHE A 251 -20.10 -7.88 -0.29
N LYS A 252 -19.34 -6.84 -0.62
CA LYS A 252 -19.37 -5.62 0.15
C LYS A 252 -19.93 -4.49 -0.69
N GLY A 253 -20.99 -3.85 -0.19
CA GLY A 253 -21.63 -2.77 -0.91
C GLY A 253 -20.67 -1.65 -1.23
N ILE A 254 -20.90 -0.99 -2.36
CA ILE A 254 -20.15 0.22 -2.70
C ILE A 254 -21.07 1.43 -2.69
N PRO A 255 -20.93 2.29 -1.70
CA PRO A 255 -21.64 3.56 -1.52
C PRO A 255 -21.15 4.65 -2.40
N ALA A 256 -22.06 5.41 -3.00
CA ALA A 256 -21.63 6.55 -3.79
C ALA A 256 -22.11 7.87 -3.17
N THR A 257 -21.19 8.83 -3.03
CA THR A 257 -21.56 10.13 -2.50
C THR A 257 -21.04 11.28 -3.34
N ASN A 258 -21.89 12.27 -3.55
CA ASN A 258 -21.48 13.54 -4.12
C ASN A 258 -21.60 14.62 -3.05
N ARG A 259 -20.58 15.44 -2.95
CA ARG A 259 -20.59 16.53 -2.02
C ARG A 259 -20.17 17.76 -2.80
N VAL A 260 -19.75 17.54 -4.03
CA VAL A 260 -19.36 18.57 -4.98
C VAL A 260 -20.56 19.34 -5.50
N ASP A 261 -21.75 18.72 -5.43
CA ASP A 261 -23.01 19.37 -5.78
C ASP A 261 -24.16 18.81 -4.92
N ASP A 262 -25.26 19.51 -4.80
CA ASP A 262 -26.47 18.86 -4.31
C ASP A 262 -27.33 18.47 -5.50
N SER A 263 -26.64 18.22 -6.60
CA SER A 263 -27.20 17.85 -7.90
C SER A 263 -27.22 16.33 -7.90
N PRO A 264 -28.24 15.75 -7.26
CA PRO A 264 -28.20 14.36 -6.77
C PRO A 264 -28.39 13.24 -7.80
N VAL A 265 -27.76 13.37 -8.96
CA VAL A 265 -27.75 12.27 -9.93
C VAL A 265 -26.89 11.12 -9.40
N SER A 266 -27.26 9.89 -9.75
CA SER A 266 -26.52 8.70 -9.33
C SER A 266 -25.50 8.28 -10.39
N PRO A 267 -24.42 7.63 -9.96
CA PRO A 267 -23.46 7.07 -10.92
C PRO A 267 -24.10 5.96 -11.74
N THR A 268 -25.10 5.32 -11.15
CA THR A 268 -25.76 4.17 -11.78
C THR A 268 -26.95 4.56 -12.64
N SER A 269 -26.99 5.79 -13.09
CA SER A 269 -28.04 6.14 -14.02
C SER A 269 -27.65 5.63 -15.39
N GLY A 270 -28.65 5.13 -16.12
CA GLY A 270 -28.45 4.63 -17.47
C GLY A 270 -27.40 3.54 -17.58
N PHE A 271 -27.12 2.90 -16.45
CA PHE A 271 -26.06 1.88 -16.38
C PHE A 271 -26.45 0.74 -15.44
N THR A 272 -26.22 -0.49 -15.89
CA THR A 272 -26.59 -1.66 -15.11
C THR A 272 -25.34 -2.39 -14.58
N TYR A 273 -25.34 -2.69 -13.28
CA TYR A 273 -24.21 -3.35 -12.66
C TYR A 273 -24.21 -4.85 -12.94
N ILE A 274 -23.07 -5.36 -13.36
CA ILE A 274 -22.92 -6.80 -13.57
C ILE A 274 -21.71 -7.35 -12.82
N LYS A 275 -21.82 -8.59 -12.38
CA LYS A 275 -20.76 -9.25 -11.61
C LYS A 275 -19.84 -10.06 -12.53
N SER A 276 -20.35 -10.41 -13.72
CA SER A 276 -19.64 -11.30 -14.63
C SER A 276 -19.55 -10.67 -16.02
N LEU A 277 -18.71 -11.24 -16.88
CA LEU A 277 -18.51 -10.71 -18.23
C LEU A 277 -19.64 -11.08 -19.19
N ILE A 278 -19.98 -10.15 -20.08
CA ILE A 278 -20.97 -10.38 -21.14
C ILE A 278 -20.28 -10.43 -22.49
N ILE A 279 -20.62 -11.42 -23.32
CA ILE A 279 -20.00 -11.56 -24.64
C ILE A 279 -20.98 -11.38 -25.80
N GLU A 280 -20.66 -10.47 -26.71
CA GLU A 280 -21.46 -10.25 -27.90
C GLU A 280 -21.25 -11.41 -28.87
N PRO A 281 -22.26 -11.71 -29.71
CA PRO A 281 -22.21 -12.82 -30.67
C PRO A 281 -21.04 -12.74 -31.64
N ASN A 282 -20.62 -11.53 -31.99
CA ASN A 282 -19.47 -11.34 -32.88
C ASN A 282 -18.18 -11.88 -32.27
N VAL A 283 -18.18 -12.04 -30.95
CA VAL A 283 -16.96 -12.42 -30.23
C VAL A 283 -16.85 -13.93 -29.92
N ILE A 284 -15.63 -14.41 -30.03
CA ILE A 284 -15.32 -15.82 -30.00
C ILE A 284 -15.30 -16.29 -28.59
N ILE A 285 -15.69 -17.53 -28.34
CA ILE A 285 -15.47 -18.16 -27.03
C ILE A 285 -14.40 -19.24 -27.18
N PRO A 286 -13.20 -18.96 -26.66
CA PRO A 286 -12.07 -19.89 -26.73
C PRO A 286 -12.34 -21.22 -26.03
N LYS A 287 -11.67 -22.26 -26.50
CA LYS A 287 -11.76 -23.59 -25.90
C LYS A 287 -11.35 -23.54 -24.43
N SER A 288 -12.13 -24.21 -23.58
CA SER A 288 -11.85 -24.23 -22.15
C SER A 288 -10.52 -24.91 -21.81
N SER A 289 -9.80 -24.32 -20.88
CA SER A 289 -8.52 -24.87 -20.42
C SER A 289 -8.74 -26.24 -19.81
N THR A 290 -7.69 -27.03 -19.86
CA THR A 290 -7.78 -28.36 -19.43
C THR A 290 -7.83 -28.39 -17.92
N GLY A 291 -6.97 -27.60 -17.28
CA GLY A 291 -6.94 -27.46 -15.84
C GLY A 291 -6.00 -28.44 -15.14
N CYS A 292 -6.08 -28.49 -13.83
CA CYS A 292 -5.19 -29.34 -13.03
C CYS A 292 -6.04 -30.32 -12.26
N ASN A 293 -5.42 -31.36 -11.69
CA ASN A 293 -6.21 -32.42 -11.06
C ASN A 293 -6.18 -32.50 -9.54
N CYS A 294 -5.45 -31.60 -8.89
CA CYS A 294 -5.33 -31.68 -7.43
C CYS A 294 -6.63 -31.32 -6.76
N ARG A 295 -6.80 -31.70 -5.49
CA ARG A 295 -8.09 -31.62 -4.83
C ARG A 295 -8.06 -30.73 -3.64
N GLY A 296 -9.12 -29.97 -3.47
CA GLY A 296 -9.23 -29.05 -2.36
C GLY A 296 -8.49 -27.76 -2.64
N SER A 297 -7.17 -27.82 -2.76
CA SER A 297 -6.38 -26.62 -2.89
C SER A 297 -5.03 -26.95 -3.47
N CYS A 298 -4.56 -26.11 -4.38
CA CYS A 298 -3.29 -26.33 -5.05
C CYS A 298 -2.18 -25.80 -4.17
N THR A 299 -1.47 -26.76 -3.58
CA THR A 299 -0.33 -26.50 -2.75
C THR A 299 0.96 -27.06 -3.29
N ASP A 300 1.04 -28.37 -3.54
CA ASP A 300 2.28 -28.91 -4.13
C ASP A 300 2.31 -28.40 -5.53
N SER A 301 3.44 -27.91 -5.99
CA SER A 301 3.50 -27.34 -7.29
C SER A 301 4.14 -28.34 -8.18
N LYS A 302 4.51 -29.46 -7.59
CA LYS A 302 4.95 -30.60 -8.36
C LYS A 302 3.77 -31.18 -9.15
N LYS A 303 2.65 -31.22 -8.45
CA LYS A 303 1.48 -31.97 -8.81
C LYS A 303 0.42 -31.15 -9.51
N CYS A 304 0.69 -29.86 -9.57
CA CYS A 304 -0.23 -28.93 -10.21
C CYS A 304 0.24 -28.53 -11.61
N ALA A 305 -0.68 -28.59 -12.55
CA ALA A 305 -0.37 -28.17 -13.90
C ALA A 305 -0.44 -26.66 -14.04
N CYS A 306 -1.32 -26.08 -13.21
CA CYS A 306 -1.60 -24.66 -13.17
C CYS A 306 -0.33 -23.94 -12.68
N ALA A 307 0.52 -24.59 -11.86
CA ALA A 307 1.81 -24.15 -11.35
C ALA A 307 2.88 -24.25 -12.42
N LYS A 308 2.82 -25.32 -13.20
CA LYS A 308 3.77 -25.53 -14.27
C LYS A 308 3.53 -24.51 -15.33
N LEU A 309 2.28 -24.11 -15.46
CA LEU A 309 1.85 -23.06 -16.38
C LEU A 309 2.42 -21.72 -15.96
N ASN A 310 2.59 -21.54 -14.65
CA ASN A 310 3.14 -20.29 -14.13
C ASN A 310 4.65 -20.28 -13.95
N GLY A 311 5.36 -21.20 -14.59
CA GLY A 311 6.81 -21.25 -14.45
C GLY A 311 7.29 -22.21 -13.36
N GLY A 312 6.36 -22.98 -12.80
CA GLY A 312 6.69 -23.97 -11.80
C GLY A 312 6.40 -23.52 -10.37
N ASN A 313 6.00 -22.27 -10.22
CA ASN A 313 5.70 -21.73 -8.90
C ASN A 313 4.48 -20.83 -8.92
N PHE A 314 3.59 -20.98 -7.95
CA PHE A 314 2.37 -20.20 -7.92
C PHE A 314 2.63 -18.73 -7.90
N PRO A 315 1.80 -17.95 -8.57
CA PRO A 315 1.97 -16.49 -8.72
C PRO A 315 1.45 -15.74 -7.50
N TYR A 316 0.48 -16.32 -6.80
CA TYR A 316 -0.06 -15.74 -5.58
C TYR A 316 0.52 -16.42 -4.35
N VAL A 317 0.56 -15.69 -3.24
CA VAL A 317 0.91 -16.27 -1.94
C VAL A 317 -0.33 -16.32 -1.06
N ASP A 318 -0.40 -17.29 -0.16
CA ASP A 318 -1.55 -17.41 0.73
C ASP A 318 -1.41 -16.51 1.96
N LEU A 319 -1.63 -15.21 1.75
CA LEU A 319 -1.55 -14.21 2.81
C LEU A 319 -2.61 -13.15 2.57
N ASN A 320 -3.38 -12.83 3.59
CA ASN A 320 -4.36 -11.78 3.49
C ASN A 320 -5.33 -12.05 2.38
N ASP A 321 -5.77 -13.29 2.29
CA ASP A 321 -6.71 -13.73 1.25
C ASP A 321 -6.14 -13.74 -0.18
N GLY A 322 -4.85 -14.01 -0.30
CA GLY A 322 -4.21 -14.08 -1.60
C GLY A 322 -3.63 -12.75 -2.02
N ARG A 323 -2.33 -12.75 -2.25
CA ARG A 323 -1.64 -11.55 -2.72
C ARG A 323 -0.71 -11.91 -3.88
N LEU A 324 -0.82 -11.14 -4.96
CA LEU A 324 -0.02 -11.38 -6.15
C LEU A 324 1.40 -10.91 -5.93
N ILE A 325 2.32 -11.86 -5.87
CA ILE A 325 3.72 -11.61 -5.58
C ILE A 325 4.28 -10.44 -6.36
N GLU A 326 4.10 -10.47 -7.67
CA GLU A 326 4.63 -9.46 -8.56
C GLU A 326 3.95 -9.56 -9.91
N SER A 327 4.06 -8.49 -10.68
CA SER A 327 3.47 -8.47 -12.01
C SER A 327 4.18 -9.47 -12.91
N ARG A 328 3.40 -10.16 -13.73
CA ARG A 328 3.88 -11.07 -14.75
C ARG A 328 3.11 -10.77 -16.00
N ASP A 329 3.60 -11.20 -17.15
CA ASP A 329 2.93 -10.98 -18.43
C ASP A 329 1.46 -11.38 -18.35
N VAL A 330 1.25 -12.65 -18.07
CA VAL A 330 -0.08 -13.17 -17.79
C VAL A 330 0.06 -14.03 -16.52
N VAL A 331 -1.05 -14.26 -15.84
CA VAL A 331 -1.08 -15.16 -14.70
C VAL A 331 -2.05 -16.29 -15.00
N PHE A 332 -1.62 -17.53 -14.83
CA PHE A 332 -2.50 -18.66 -15.12
C PHE A 332 -3.19 -19.14 -13.86
N GLU A 333 -4.45 -18.79 -13.72
CA GLU A 333 -5.19 -19.19 -12.54
C GLU A 333 -5.83 -20.54 -12.75
N CYS A 334 -6.37 -21.08 -11.66
CA CYS A 334 -7.12 -22.31 -11.75
C CYS A 334 -8.49 -22.00 -12.34
N GLY A 335 -8.95 -22.85 -13.25
CA GLY A 335 -10.16 -22.60 -13.99
C GLY A 335 -11.35 -23.45 -13.58
N PRO A 336 -12.36 -23.52 -14.46
CA PRO A 336 -13.61 -24.24 -14.20
C PRO A 336 -13.39 -25.74 -14.02
N HIS A 337 -12.35 -26.28 -14.62
CA HIS A 337 -12.19 -27.71 -14.68
C HIS A 337 -11.23 -28.24 -13.68
N CYS A 338 -10.47 -27.36 -13.08
CA CYS A 338 -9.52 -27.72 -12.05
C CYS A 338 -10.25 -28.43 -10.90
N GLY A 339 -9.60 -29.44 -10.34
CA GLY A 339 -10.21 -30.24 -9.30
C GLY A 339 -10.29 -29.52 -7.97
N CYS A 340 -9.64 -28.36 -7.89
CA CYS A 340 -9.59 -27.59 -6.65
C CYS A 340 -10.83 -26.73 -6.48
N GLY A 341 -11.10 -26.36 -5.23
CA GLY A 341 -12.25 -25.53 -4.89
C GLY A 341 -11.93 -24.05 -4.98
N PRO A 342 -12.93 -23.21 -4.66
CA PRO A 342 -12.90 -21.76 -4.87
C PRO A 342 -11.91 -21.01 -3.96
N LYS A 343 -11.50 -21.66 -2.88
CA LYS A 343 -10.57 -21.04 -1.93
C LYS A 343 -9.13 -21.13 -2.45
N CYS A 344 -8.88 -22.11 -3.30
CA CYS A 344 -7.56 -22.33 -3.90
C CYS A 344 -6.80 -21.04 -4.21
N VAL A 345 -5.59 -20.92 -3.68
CA VAL A 345 -4.84 -19.66 -3.73
C VAL A 345 -4.58 -19.21 -5.17
N ASN A 346 -4.67 -20.15 -6.09
CA ASN A 346 -4.50 -19.84 -7.52
C ASN A 346 -5.83 -19.45 -8.15
N ARG A 347 -6.76 -19.00 -7.32
CA ARG A 347 -8.04 -18.47 -7.78
C ARG A 347 -8.28 -17.12 -7.12
N THR A 348 -7.20 -16.40 -6.86
CA THR A 348 -7.26 -15.20 -6.04
C THR A 348 -8.19 -14.13 -6.61
N SER A 349 -8.00 -13.75 -7.87
CA SER A 349 -8.81 -12.68 -8.45
C SER A 349 -10.23 -13.15 -8.76
N GLN A 350 -10.53 -14.40 -8.42
CA GLN A 350 -11.87 -14.94 -8.64
C GLN A 350 -12.77 -14.69 -7.42
N LYS A 351 -12.16 -14.50 -6.26
CA LYS A 351 -12.89 -14.33 -5.01
C LYS A 351 -13.59 -12.99 -4.90
N ARG A 352 -14.50 -12.87 -3.94
CA ARG A 352 -15.34 -11.69 -3.79
C ARG A 352 -14.60 -10.45 -3.29
N LEU A 353 -15.32 -9.32 -3.26
CA LEU A 353 -14.75 -8.04 -2.87
C LEU A 353 -14.31 -8.03 -1.42
N ARG A 354 -13.01 -7.88 -1.22
CA ARG A 354 -12.44 -7.84 0.11
C ARG A 354 -12.74 -6.52 0.81
N PHE A 355 -12.68 -5.44 0.04
CA PHE A 355 -12.62 -4.11 0.63
C PHE A 355 -13.91 -3.28 0.58
N ASN A 356 -14.14 -2.54 1.66
CA ASN A 356 -15.21 -1.56 1.69
C ASN A 356 -14.79 -0.35 0.86
N LEU A 357 -15.42 -0.20 -0.29
CA LEU A 357 -15.04 0.88 -1.21
C LEU A 357 -16.09 1.98 -1.22
N GLU A 358 -15.80 3.05 -1.95
CA GLU A 358 -16.70 4.17 -2.09
C GLU A 358 -16.52 4.86 -3.44
N VAL A 359 -17.62 5.17 -4.11
CA VAL A 359 -17.57 5.98 -5.32
C VAL A 359 -17.93 7.43 -4.97
N PHE A 360 -16.92 8.30 -4.89
CA PHE A 360 -17.16 9.69 -4.54
C PHE A 360 -17.08 10.58 -5.76
N ARG A 361 -17.73 11.74 -5.70
CA ARG A 361 -17.68 12.68 -6.80
C ARG A 361 -16.47 13.59 -6.69
N SER A 362 -15.56 13.48 -7.66
CA SER A 362 -14.39 14.35 -7.70
C SER A 362 -14.73 15.69 -8.31
N ALA A 363 -13.83 16.65 -8.12
CA ALA A 363 -14.07 18.00 -8.59
C ALA A 363 -14.01 18.14 -10.11
N LYS A 364 -13.08 17.46 -10.77
CA LYS A 364 -13.03 17.47 -12.24
C LYS A 364 -12.62 16.18 -12.91
N LYS A 365 -12.67 15.10 -12.16
CA LYS A 365 -12.37 13.81 -12.70
C LYS A 365 -13.66 13.07 -12.96
N GLY A 366 -14.75 13.57 -12.42
CA GLY A 366 -16.02 12.94 -12.54
C GLY A 366 -16.04 12.12 -11.31
N TRP A 367 -16.68 10.99 -11.39
CA TRP A 367 -16.70 10.09 -10.30
C TRP A 367 -15.39 9.41 -10.30
N ALA A 368 -14.97 8.98 -9.12
CA ALA A 368 -13.76 8.24 -8.99
C ALA A 368 -13.98 7.46 -7.73
N VAL A 369 -13.19 6.42 -7.48
CA VAL A 369 -13.39 5.57 -6.31
C VAL A 369 -12.25 5.64 -5.30
N ARG A 370 -12.52 5.26 -4.05
CA ARG A 370 -11.50 5.24 -2.99
C ARG A 370 -11.84 4.16 -1.99
N SER A 371 -10.89 3.85 -1.11
CA SER A 371 -11.10 2.79 -0.13
C SER A 371 -11.42 3.36 1.25
N TRP A 372 -12.12 2.63 2.08
CA TRP A 372 -12.32 3.09 3.42
C TRP A 372 -11.47 2.29 4.37
N GLU A 373 -10.80 1.28 3.87
CA GLU A 373 -9.89 0.49 4.70
C GLU A 373 -8.58 0.20 3.98
N TYR A 374 -7.69 -0.48 4.69
CA TYR A 374 -6.33 -0.71 4.19
C TYR A 374 -6.26 -1.80 3.14
N ILE A 375 -5.54 -1.52 2.06
CA ILE A 375 -5.32 -2.48 1.00
C ILE A 375 -3.85 -2.80 0.92
N PRO A 376 -3.46 -4.00 1.38
CA PRO A 376 -2.05 -4.39 1.28
C PRO A 376 -1.64 -4.48 -0.18
N ALA A 377 -0.40 -4.13 -0.49
CA ALA A 377 0.08 -4.19 -1.86
C ALA A 377 0.00 -5.62 -2.39
N GLY A 378 -0.44 -5.77 -3.63
CA GLY A 378 -0.55 -7.07 -4.25
C GLY A 378 -1.92 -7.71 -4.07
N SER A 379 -2.78 -7.07 -3.30
CA SER A 379 -4.16 -7.53 -3.19
C SER A 379 -4.92 -7.15 -4.45
N PRO A 380 -5.75 -8.07 -4.95
CA PRO A 380 -6.54 -7.73 -6.13
C PRO A 380 -7.65 -6.77 -5.73
N VAL A 381 -7.77 -5.65 -6.43
CA VAL A 381 -8.86 -4.74 -6.17
C VAL A 381 -10.08 -5.20 -6.94
N CYS A 382 -9.94 -5.38 -8.26
CA CYS A 382 -11.10 -5.87 -9.05
C CYS A 382 -10.79 -6.17 -10.50
N GLU A 383 -11.66 -6.94 -11.14
CA GLU A 383 -11.51 -7.22 -12.56
C GLU A 383 -12.37 -6.28 -13.39
N TYR A 384 -11.76 -5.66 -14.41
CA TYR A 384 -12.47 -4.76 -15.30
C TYR A 384 -13.54 -5.53 -16.07
N ILE A 385 -14.80 -5.32 -15.68
CA ILE A 385 -15.90 -6.07 -16.24
C ILE A 385 -16.83 -5.19 -17.07
N GLY A 386 -17.22 -5.68 -18.24
CA GLY A 386 -18.15 -4.99 -19.10
C GLY A 386 -18.68 -5.93 -20.15
N VAL A 387 -18.71 -5.48 -21.40
CA VAL A 387 -19.13 -6.32 -22.51
C VAL A 387 -17.97 -6.52 -23.45
N VAL A 388 -17.50 -7.74 -23.57
CA VAL A 388 -16.40 -8.01 -24.51
C VAL A 388 -16.87 -7.83 -25.95
N ARG A 389 -16.47 -6.72 -26.57
CA ARG A 389 -16.79 -6.43 -27.96
C ARG A 389 -15.56 -6.51 -28.81
N ARG A 390 -15.74 -6.68 -30.11
CA ARG A 390 -14.63 -6.66 -31.04
C ARG A 390 -14.19 -5.22 -31.28
N THR A 391 -12.88 -5.00 -31.29
CA THR A 391 -12.33 -3.65 -31.43
C THR A 391 -12.73 -2.98 -32.75
N ALA A 392 -13.02 -3.80 -33.76
CA ALA A 392 -13.50 -3.31 -35.04
C ALA A 392 -14.87 -2.69 -34.87
N ASP A 393 -15.71 -3.32 -34.07
CA ASP A 393 -17.07 -2.87 -33.86
C ASP A 393 -17.14 -1.51 -33.17
N VAL A 394 -16.01 -0.97 -32.76
CA VAL A 394 -15.94 0.38 -32.19
C VAL A 394 -14.81 1.19 -32.80
N ASN A 400 -17.75 5.25 -25.42
CA ASN A 400 -16.78 6.24 -25.89
C ASN A 400 -15.66 6.39 -24.86
N GLU A 401 -16.00 6.66 -23.62
CA GLU A 401 -15.04 6.81 -22.55
C GLU A 401 -14.63 5.49 -21.94
N TYR A 402 -15.57 4.60 -21.82
CA TYR A 402 -15.43 3.45 -20.97
C TYR A 402 -15.04 2.18 -21.69
N ILE A 403 -13.89 2.16 -22.36
CA ILE A 403 -13.45 0.97 -23.08
C ILE A 403 -12.01 0.57 -22.78
N PHE A 404 -11.84 -0.66 -22.32
CA PHE A 404 -10.52 -1.19 -22.04
C PHE A 404 -10.09 -2.19 -23.11
N GLU A 405 -9.09 -1.82 -23.91
CA GLU A 405 -8.55 -2.72 -24.92
C GLU A 405 -7.71 -3.83 -24.27
N ILE A 406 -7.87 -5.05 -24.76
CA ILE A 406 -7.11 -6.16 -24.23
C ILE A 406 -5.84 -6.40 -25.02
N ASP A 407 -4.68 -6.10 -24.45
CA ASP A 407 -3.40 -6.50 -24.99
C ASP A 407 -2.63 -7.10 -23.88
N CYS A 408 -2.01 -8.23 -24.17
CA CYS A 408 -1.18 -8.93 -23.19
C CYS A 408 -0.06 -9.72 -23.87
N PRO A 443 -4.81 -4.64 -30.66
CA PRO A 443 -5.81 -5.30 -29.80
C PRO A 443 -7.01 -5.78 -30.60
N GLU A 444 -7.27 -7.06 -30.55
CA GLU A 444 -8.30 -7.64 -31.35
C GLU A 444 -9.60 -7.42 -30.65
N PHE A 445 -9.56 -7.57 -29.32
CA PHE A 445 -10.77 -7.49 -28.50
C PHE A 445 -10.71 -6.45 -27.39
N CYS A 446 -11.86 -6.02 -26.92
CA CYS A 446 -11.94 -5.00 -25.88
C CYS A 446 -13.11 -5.26 -24.95
N ILE A 447 -13.19 -4.47 -23.89
CA ILE A 447 -14.29 -4.50 -22.95
C ILE A 447 -14.98 -3.16 -22.92
N ASP A 448 -16.26 -3.13 -23.26
CA ASP A 448 -17.05 -1.91 -23.23
C ASP A 448 -17.87 -1.88 -21.96
N ALA A 449 -17.45 -1.02 -21.03
CA ALA A 449 -18.15 -0.85 -19.77
C ALA A 449 -19.09 0.35 -19.85
N GLY A 450 -19.46 0.72 -21.06
CA GLY A 450 -20.22 1.93 -21.30
C GLY A 450 -21.62 1.99 -20.71
N SER A 451 -22.32 0.87 -20.78
CA SER A 451 -23.68 0.83 -20.29
C SER A 451 -23.86 -0.23 -19.26
N THR A 452 -23.04 -1.23 -19.32
CA THR A 452 -23.07 -2.28 -18.33
C THR A 452 -21.65 -2.73 -18.00
N GLY A 453 -21.43 -3.02 -16.72
CA GLY A 453 -20.12 -3.39 -16.20
C GLY A 453 -20.16 -3.35 -14.68
N ASN A 454 -19.01 -3.50 -14.04
CA ASN A 454 -18.97 -3.32 -12.60
C ASN A 454 -18.35 -1.98 -12.20
N PHE A 455 -17.82 -1.89 -11.00
CA PHE A 455 -17.36 -0.61 -10.48
C PHE A 455 -16.02 -0.19 -11.07
N ALA A 456 -15.34 -1.13 -11.73
CA ALA A 456 -14.02 -0.87 -12.29
C ALA A 456 -14.01 0.32 -13.26
N ARG A 457 -15.16 0.63 -13.82
CA ARG A 457 -15.30 1.71 -14.79
C ARG A 457 -15.31 3.09 -14.13
N PHE A 458 -15.19 3.12 -12.82
CA PHE A 458 -15.23 4.39 -12.08
C PHE A 458 -13.85 4.79 -11.59
N ILE A 459 -12.86 3.95 -11.88
CA ILE A 459 -11.50 4.22 -11.45
C ILE A 459 -10.79 5.16 -12.42
N ASN A 460 -10.18 6.20 -11.89
CA ASN A 460 -9.55 7.20 -12.74
C ASN A 460 -8.10 6.91 -13.07
N HIS A 461 -7.54 7.76 -13.92
CA HIS A 461 -6.16 7.66 -14.34
C HIS A 461 -5.34 8.49 -13.46
N SER A 462 -4.15 8.03 -13.20
CA SER A 462 -3.17 8.84 -12.51
C SER A 462 -1.84 8.58 -13.19
N CYS A 463 -0.93 9.54 -13.13
CA CYS A 463 0.41 9.31 -13.62
C CYS A 463 1.27 8.79 -12.48
N GLU A 464 0.69 8.78 -11.30
CA GLU A 464 1.29 8.18 -10.14
C GLU A 464 0.21 7.30 -9.54
N PRO A 465 -0.02 6.10 -10.13
CA PRO A 465 -1.03 5.18 -9.64
C PRO A 465 -0.66 4.34 -8.44
N ASN A 466 -1.68 3.82 -7.80
CA ASN A 466 -1.50 2.86 -6.75
C ASN A 466 -2.03 1.49 -7.14
N LEU A 467 -2.45 1.41 -8.39
CA LEU A 467 -2.95 0.16 -8.97
C LEU A 467 -2.24 -0.13 -10.29
N PHE A 468 -2.20 -1.41 -10.64
CA PHE A 468 -1.64 -1.83 -11.93
C PHE A 468 -2.50 -2.91 -12.58
N VAL A 469 -2.29 -3.07 -13.88
CA VAL A 469 -3.05 -4.00 -14.70
C VAL A 469 -2.33 -5.32 -14.87
N GLN A 470 -2.95 -6.39 -14.38
CA GLN A 470 -2.47 -7.73 -14.62
C GLN A 470 -3.48 -8.51 -15.44
N CYS A 471 -3.02 -9.15 -16.50
CA CYS A 471 -3.88 -10.04 -17.27
C CYS A 471 -3.86 -11.45 -16.70
N VAL A 472 -5.06 -11.99 -16.51
CA VAL A 472 -5.22 -13.28 -15.90
C VAL A 472 -5.99 -14.20 -16.85
N LEU A 473 -5.50 -15.43 -16.97
CA LEU A 473 -6.07 -16.45 -17.81
C LEU A 473 -6.56 -17.55 -16.88
N SER A 474 -7.83 -17.94 -16.99
CA SER A 474 -8.36 -18.99 -16.12
C SER A 474 -9.32 -19.96 -16.82
N SER A 475 -10.30 -19.43 -17.54
CA SER A 475 -11.29 -20.26 -18.24
C SER A 475 -10.78 -20.77 -19.58
N HIS A 476 -9.91 -19.99 -20.22
CA HIS A 476 -9.28 -20.41 -21.46
C HIS A 476 -7.80 -20.06 -21.46
N GLN A 477 -7.10 -20.47 -22.51
CA GLN A 477 -5.66 -20.24 -22.60
C GLN A 477 -5.36 -19.31 -23.78
N ASP A 478 -6.39 -18.61 -24.23
CA ASP A 478 -6.27 -17.66 -25.33
C ASP A 478 -6.03 -16.25 -24.81
N ILE A 479 -4.84 -15.72 -25.09
CA ILE A 479 -4.41 -14.46 -24.48
C ILE A 479 -5.25 -13.25 -24.93
N ARG A 480 -5.76 -13.30 -26.16
CA ARG A 480 -6.51 -12.17 -26.72
C ARG A 480 -7.76 -11.86 -25.93
N LEU A 481 -8.29 -12.88 -25.23
CA LEU A 481 -9.48 -12.72 -24.42
C LEU A 481 -9.13 -12.84 -22.96
N ALA A 482 -7.92 -12.44 -22.61
CA ALA A 482 -7.46 -12.51 -21.22
C ALA A 482 -8.33 -11.64 -20.32
N ARG A 483 -8.25 -11.91 -19.03
CA ARG A 483 -9.01 -11.15 -18.07
C ARG A 483 -8.22 -9.96 -17.60
N VAL A 484 -8.83 -8.78 -17.60
CA VAL A 484 -8.14 -7.59 -17.13
C VAL A 484 -8.45 -7.39 -15.66
N VAL A 485 -7.45 -7.64 -14.82
CA VAL A 485 -7.63 -7.46 -13.39
C VAL A 485 -6.68 -6.39 -12.85
N LEU A 486 -7.19 -5.54 -11.98
CA LEU A 486 -6.41 -4.48 -11.35
C LEU A 486 -6.08 -4.82 -9.89
N PHE A 487 -4.77 -4.85 -9.64
CA PHE A 487 -4.21 -5.16 -8.32
C PHE A 487 -3.61 -3.90 -7.72
N ALA A 488 -3.42 -3.90 -6.40
CA ALA A 488 -2.76 -2.80 -5.71
C ALA A 488 -1.25 -2.91 -5.88
N ALA A 489 -0.63 -1.84 -6.38
CA ALA A 489 0.81 -1.82 -6.61
C ALA A 489 1.52 -1.37 -5.35
N ASP A 490 0.80 -0.61 -4.53
CA ASP A 490 1.31 -0.08 -3.27
C ASP A 490 0.39 -0.43 -2.12
N ASN A 491 0.84 -0.16 -0.90
CA ASN A 491 -0.02 -0.29 0.26
C ASN A 491 -0.90 0.93 0.35
N ILE A 492 -2.20 0.73 0.24
CA ILE A 492 -3.13 1.84 0.17
C ILE A 492 -3.82 2.11 1.50
N SER A 493 -4.05 3.37 1.82
CA SER A 493 -4.61 3.77 3.10
C SER A 493 -5.99 4.30 2.88
N PRO A 494 -6.82 4.23 3.91
CA PRO A 494 -8.25 4.56 3.80
C PRO A 494 -8.52 5.94 3.23
N MET A 495 -9.70 6.10 2.68
CA MET A 495 -10.12 7.34 2.08
C MET A 495 -9.07 7.99 1.24
N GLN A 496 -8.39 7.20 0.46
CA GLN A 496 -7.45 7.72 -0.52
C GLN A 496 -7.75 7.07 -1.87
N GLU A 497 -7.54 7.80 -2.93
CA GLU A 497 -8.10 7.45 -4.20
C GLU A 497 -7.34 6.36 -4.85
N LEU A 498 -8.07 5.35 -5.35
CA LEU A 498 -7.52 4.24 -6.14
C LEU A 498 -7.51 4.60 -7.62
N THR A 499 -6.35 4.46 -8.26
CA THR A 499 -6.18 4.85 -9.66
C THR A 499 -5.17 3.94 -10.36
N TYR A 500 -5.25 3.88 -11.69
CA TYR A 500 -4.19 3.20 -12.45
C TYR A 500 -3.79 4.02 -13.67
N ASP A 501 -2.82 3.55 -14.40
CA ASP A 501 -2.32 4.28 -15.53
C ASP A 501 -2.91 3.72 -16.78
N TYR A 502 -3.54 4.58 -17.55
CA TYR A 502 -4.28 4.14 -18.73
C TYR A 502 -3.33 3.76 -19.87
N GLY A 503 -2.15 4.34 -19.86
CA GLY A 503 -1.10 3.95 -20.79
C GLY A 503 -1.39 4.40 -22.21
N TYR A 504 -2.10 5.50 -22.34
CA TYR A 504 -2.38 6.00 -23.64
C TYR A 504 -1.12 6.57 -24.16
N ALA A 505 -0.78 6.19 -25.37
CA ALA A 505 0.26 6.82 -26.11
C ALA A 505 -0.28 8.18 -26.51
N LEU A 506 0.61 9.13 -26.68
CA LEU A 506 0.26 10.50 -27.04
C LEU A 506 -0.05 10.79 -28.51
N ASP A 507 -0.97 11.72 -28.74
CA ASP A 507 -1.36 12.03 -30.08
C ASP A 507 -1.94 10.79 -30.70
N SER A 508 -2.73 10.04 -29.95
CA SER A 508 -3.34 8.83 -30.48
C SER A 508 -4.74 8.95 -31.04
N VAL A 509 -5.50 9.90 -30.51
CA VAL A 509 -6.92 9.99 -30.79
C VAL A 509 -7.15 11.19 -31.62
N HIS A 510 -7.93 11.08 -32.69
CA HIS A 510 -8.13 12.22 -33.52
C HIS A 510 -9.59 12.45 -33.65
N LYS A 515 -5.50 19.55 -35.88
CA LYS A 515 -5.53 18.11 -36.08
C LYS A 515 -5.62 17.51 -34.71
N VAL A 516 -5.23 16.26 -34.59
CA VAL A 516 -4.99 15.64 -33.29
C VAL A 516 -6.22 15.72 -32.42
N LYS A 517 -6.07 15.52 -31.12
CA LYS A 517 -6.95 16.05 -30.08
C LYS A 517 -6.44 15.53 -28.75
N GLN A 518 -6.64 16.25 -27.68
CA GLN A 518 -6.01 15.84 -26.45
C GLN A 518 -6.93 16.05 -25.29
N LEU A 519 -6.56 15.44 -24.17
CA LEU A 519 -7.31 15.54 -22.97
C LEU A 519 -6.43 15.90 -21.83
N ALA A 520 -6.82 16.96 -21.14
CA ALA A 520 -6.06 17.43 -19.98
C ALA A 520 -6.16 16.38 -18.89
N CYS A 521 -5.17 16.33 -17.96
CA CYS A 521 -5.04 15.34 -16.85
C CYS A 521 -5.10 16.03 -15.50
N TYR A 522 -5.78 15.43 -14.53
CA TYR A 522 -6.03 16.02 -13.23
C TYR A 522 -5.51 15.13 -12.11
N CYS A 523 -4.56 14.29 -12.44
CA CYS A 523 -3.84 13.41 -11.57
C CYS A 523 -3.77 14.03 -10.17
N GLY A 524 -3.00 15.12 -10.07
CA GLY A 524 -2.56 15.90 -8.93
C GLY A 524 -1.11 15.55 -8.73
N ALA A 525 -0.67 14.52 -9.46
CA ALA A 525 0.68 14.01 -9.38
C ALA A 525 1.71 15.07 -9.76
N LEU A 526 2.81 15.07 -9.05
CA LEU A 526 3.84 16.04 -9.27
C LEU A 526 4.46 15.73 -10.59
N ASN A 527 4.28 14.47 -11.01
CA ASN A 527 4.75 14.02 -12.31
C ASN A 527 3.69 13.92 -13.43
N CYS A 528 2.57 14.60 -13.28
CA CYS A 528 1.60 14.56 -14.33
C CYS A 528 2.24 14.94 -15.57
N ARG A 529 1.73 14.37 -16.61
CA ARG A 529 2.22 14.64 -17.94
C ARG A 529 1.37 15.72 -18.52
N LYS A 530 0.32 16.01 -17.78
CA LYS A 530 -0.64 17.03 -18.13
C LYS A 530 -1.51 16.65 -19.35
N ARG A 531 -1.26 15.48 -19.92
CA ARG A 531 -2.00 15.00 -21.04
C ARG A 531 -2.41 13.60 -20.73
N LEU A 532 -3.68 13.30 -20.89
CA LEU A 532 -4.08 11.93 -20.87
C LEU A 532 -3.70 11.41 -22.24
N TYR A 533 -4.12 12.14 -23.26
CA TYR A 533 -3.74 11.80 -24.63
C TYR A 533 -3.74 13.04 -25.51
N1 5CM B 7 9.33 2.00 22.49
C2 5CM B 7 8.27 2.59 23.05
N3 5CM B 7 8.40 3.79 23.75
C4 5CM B 7 9.68 4.32 23.96
C5 5CM B 7 10.79 3.67 23.45
C5A 5CM B 7 12.08 4.18 23.65
C6 5CM B 7 10.62 2.49 22.74
O2 5CM B 7 7.14 2.15 22.84
N4 5CM B 7 9.90 5.45 24.64
C1' 5CM B 7 9.20 0.68 21.81
C2' 5CM B 7 10.15 0.61 20.65
C3' 5CM B 7 9.75 -0.78 20.27
C4' 5CM B 7 10.12 -1.49 21.60
O4' 5CM B 7 10.26 -0.17 22.27
O3' 5CM B 7 8.34 -0.90 20.09
C5' 5CM B 7 11.42 -1.69 22.44
O5' 5CM B 7 12.39 -0.72 21.98
P 5CM B 7 13.76 -0.31 22.72
OP1 5CM B 7 14.15 1.09 22.35
OP2 5CM B 7 13.68 -0.70 24.15
N SAH D . -15.80 10.36 -15.45
CA SAH D . -15.77 8.97 -15.12
CB SAH D . -14.37 8.54 -14.77
CG SAH D . -14.25 7.03 -14.90
SD SAH D . -13.87 6.46 -16.52
C SAH D . -16.69 8.73 -13.99
O SAH D . -17.76 8.21 -14.25
OXT SAH D . -16.36 9.04 -12.85
C5' SAH D . -12.59 7.56 -16.91
C4' SAH D . -12.98 8.80 -17.69
O4' SAH D . -13.11 9.86 -16.76
C3' SAH D . -11.86 9.25 -18.60
O3' SAH D . -12.09 8.92 -19.96
C2' SAH D . -11.76 10.73 -18.44
O2' SAH D . -12.60 11.43 -19.33
C1' SAH D . -12.21 10.92 -17.03
N9 SAH D . -10.89 10.69 -16.45
C8 SAH D . -10.35 9.54 -16.10
N7 SAH D . -9.09 9.70 -15.65
C5 SAH D . -8.82 10.99 -15.76
C6 SAH D . -7.70 11.87 -15.46
N6 SAH D . -6.55 11.40 -14.95
N1 SAH D . -7.86 13.15 -15.71
C2 SAH D . -8.98 13.66 -16.19
N3 SAH D . -10.03 12.93 -16.48
C4 SAH D . -10.01 11.63 -16.29
ZN ZN E . -5.73 -25.65 -11.53
ZN ZN F . -6.54 -24.38 -8.03
ZN ZN G . -4.09 -27.40 -8.86
ZN ZN H . -1.53 13.02 -15.18
#